data_5IRU
#
_entry.id   5IRU
#
_cell.length_a   57.160
_cell.length_b   81.950
_cell.length_c   107.890
_cell.angle_alpha   90.00
_cell.angle_beta   90.00
_cell.angle_gamma   90.00
#
_symmetry.space_group_name_H-M   'P 21 21 21'
#
loop_
_entity.id
_entity.type
_entity.pdbx_description
1 polymer Avidin
2 non-polymer 2-acetamido-2-deoxy-beta-D-glucopyranose
3 non-polymer 1-biotinylpyrene
4 water water
#
_entity_poly.entity_id   1
_entity_poly.type   'polypeptide(L)'
_entity_poly.pdbx_seq_one_letter_code
;ARKCSLTGKWTNDLGSNMTIGAVNSRGEFTGTYTTAVTATSNEIKESPLHGTQNTINKRTQPTFGFTVNWKFSESTTVFT
GQCFIDRNGKEVLKTMWLLRSSVNDIGDDWKATRVGINIFTRLRTQKE
;
_entity_poly.pdbx_strand_id   A,B,C,D
#
# COMPACT_ATOMS: atom_id res chain seq x y z
N LYS A 3 24.90 7.21 15.45
CA LYS A 3 23.62 7.46 14.74
C LYS A 3 23.63 6.94 13.33
N CYS A 4 22.45 6.60 12.87
CA CYS A 4 22.26 6.13 11.51
C CYS A 4 22.02 7.41 10.72
N SER A 5 22.95 7.68 9.79
CA SER A 5 22.94 8.94 9.04
C SER A 5 22.60 8.70 7.58
N LEU A 6 21.67 9.51 7.05
CA LEU A 6 21.25 9.42 5.64
C LEU A 6 22.29 9.88 4.58
N THR A 7 23.19 10.79 4.98
CA THR A 7 24.19 11.38 4.11
C THR A 7 25.10 10.27 3.52
N GLY A 8 25.31 10.34 2.21
CA GLY A 8 26.33 9.59 1.53
C GLY A 8 25.69 8.83 0.38
N LYS A 9 26.39 7.75 -0.01
CA LYS A 9 25.99 6.92 -1.16
C LYS A 9 25.39 5.54 -0.84
N TRP A 10 24.31 5.21 -1.51
CA TRP A 10 23.49 4.07 -1.19
C TRP A 10 23.12 3.31 -2.43
N THR A 11 22.89 1.99 -2.30
CA THR A 11 22.38 1.17 -3.41
C THR A 11 21.32 0.23 -2.87
N ASN A 12 20.30 -0.05 -3.66
CA ASN A 12 19.20 -0.91 -3.18
C ASN A 12 19.14 -2.28 -3.83
N ASP A 13 18.23 -3.14 -3.34
CA ASP A 13 18.00 -4.56 -3.80
C ASP A 13 17.66 -4.72 -5.29
N LEU A 14 17.20 -3.64 -5.92
CA LEU A 14 16.98 -3.57 -7.35
C LEU A 14 18.18 -3.09 -8.13
N GLY A 15 19.24 -2.60 -7.50
CA GLY A 15 20.42 -2.07 -8.21
C GLY A 15 20.44 -0.55 -8.40
N SER A 16 19.38 0.14 -7.99
CA SER A 16 19.38 1.59 -8.02
C SER A 16 20.42 2.21 -7.04
N ASN A 17 20.98 3.37 -7.41
CA ASN A 17 21.81 4.18 -6.58
C ASN A 17 21.18 5.50 -6.22
N MET A 18 21.53 6.00 -5.04
CA MET A 18 21.20 7.39 -4.68
C MET A 18 22.29 7.96 -3.81
N THR A 19 22.52 9.26 -3.97
CA THR A 19 23.39 9.99 -3.13
C THR A 19 22.58 11.05 -2.43
N ILE A 20 22.67 11.07 -1.09
CA ILE A 20 22.09 12.13 -0.25
C ILE A 20 23.18 13.03 0.31
N GLY A 21 22.96 14.36 0.31
CA GLY A 21 23.92 15.30 0.86
C GLY A 21 23.73 15.48 2.37
N ALA A 22 24.28 16.56 2.86
CA ALA A 22 24.18 16.91 4.27
C ALA A 22 22.69 17.14 4.69
N VAL A 23 22.37 16.70 5.92
CA VAL A 23 21.11 16.90 6.55
C VAL A 23 21.19 18.14 7.43
N ASN A 24 20.43 19.19 7.15
CA ASN A 24 20.58 20.44 7.85
C ASN A 24 19.87 20.40 9.25
N SER A 25 19.88 21.52 9.98
CA SER A 25 19.30 21.58 11.32
C SER A 25 17.76 21.39 11.39
N ARG A 26 17.07 21.55 10.27
CA ARG A 26 15.64 21.23 10.18
C ARG A 26 15.43 19.83 9.66
N GLY A 27 16.49 19.07 9.40
CA GLY A 27 16.38 17.68 8.93
C GLY A 27 16.23 17.53 7.44
N GLU A 28 16.32 18.64 6.72
CA GLU A 28 16.14 18.71 5.26
C GLU A 28 17.37 18.14 4.57
N PHE A 29 17.14 17.36 3.53
CA PHE A 29 18.24 16.89 2.67
C PHE A 29 17.79 16.89 1.21
N THR A 30 18.78 17.01 0.32
CA THR A 30 18.62 16.84 -1.09
C THR A 30 19.66 15.77 -1.57
N GLY A 31 19.45 15.34 -2.81
CA GLY A 31 20.30 14.34 -3.42
C GLY A 31 19.86 14.02 -4.85
N THR A 32 20.30 12.87 -5.34
CA THR A 32 20.07 12.43 -6.72
C THR A 32 19.82 10.92 -6.70
N TYR A 33 19.02 10.44 -7.63
CA TYR A 33 18.56 9.08 -7.65
C TYR A 33 18.76 8.59 -9.12
N THR A 34 19.45 7.45 -9.28
CA THR A 34 19.62 6.74 -10.53
C THR A 34 18.91 5.37 -10.42
N THR A 35 17.68 5.28 -10.93
CA THR A 35 16.99 4.01 -10.89
C THR A 35 17.66 3.01 -11.83
N ALA A 36 17.74 1.77 -11.42
CA ALA A 36 18.19 0.72 -12.31
C ALA A 36 17.05 0.17 -13.16
N VAL A 37 15.81 0.48 -12.79
CA VAL A 37 14.62 -0.12 -13.45
C VAL A 37 13.59 0.96 -13.75
N THR A 38 12.72 0.67 -14.69
CA THR A 38 11.72 1.64 -15.05
C THR A 38 10.52 0.93 -15.59
N ALA A 39 9.38 1.59 -15.55
CA ALA A 39 8.14 1.03 -15.95
C ALA A 39 7.98 0.90 -17.46
N THR A 40 8.73 1.70 -18.24
CA THR A 40 8.58 1.79 -19.69
C THR A 40 9.96 2.02 -20.39
N SER A 41 9.89 2.16 -21.71
CA SER A 41 11.05 2.25 -22.59
C SER A 41 11.92 3.49 -22.51
N ASN A 42 11.41 4.57 -21.93
CA ASN A 42 12.12 5.84 -21.92
C ASN A 42 13.53 5.66 -21.25
N GLU A 43 14.55 6.33 -21.76
CA GLU A 43 15.89 6.22 -21.18
C GLU A 43 15.89 6.84 -19.80
N ILE A 44 16.48 6.13 -18.87
CA ILE A 44 16.64 6.61 -17.51
C ILE A 44 17.59 7.79 -17.43
N LYS A 45 17.20 8.80 -16.67
CA LYS A 45 18.02 9.95 -16.32
C LYS A 45 18.09 10.08 -14.80
N GLU A 46 19.26 10.43 -14.31
CA GLU A 46 19.45 10.84 -12.93
C GLU A 46 18.41 11.95 -12.52
N SER A 47 17.81 11.79 -11.35
CA SER A 47 16.69 12.62 -10.91
C SER A 47 16.91 13.12 -9.53
N PRO A 48 16.46 14.39 -9.27
CA PRO A 48 16.60 14.95 -7.96
C PRO A 48 15.69 14.32 -6.96
N LEU A 49 16.13 14.27 -5.71
CA LEU A 49 15.26 13.93 -4.58
C LEU A 49 15.36 15.03 -3.50
N HIS A 50 14.28 15.19 -2.77
CA HIS A 50 14.21 16.08 -1.62
C HIS A 50 13.42 15.43 -0.51
N GLY A 51 13.93 15.54 0.70
CA GLY A 51 13.36 14.87 1.84
C GLY A 51 13.63 15.51 3.17
N THR A 52 13.08 14.89 4.20
CA THR A 52 13.30 15.22 5.59
C THR A 52 13.40 13.99 6.46
N GLN A 53 14.31 14.09 7.41
CA GLN A 53 14.56 13.13 8.44
C GLN A 53 13.89 13.72 9.68
N ASN A 54 13.24 12.87 10.47
CA ASN A 54 12.63 13.26 11.71
C ASN A 54 13.70 13.40 12.78
N THR A 55 13.74 14.54 13.48
CA THR A 55 14.75 14.83 14.51
C THR A 55 14.23 14.80 15.95
N ILE A 56 12.93 14.49 16.14
CA ILE A 56 12.30 14.46 17.48
C ILE A 56 12.96 13.36 18.28
N ASN A 57 13.44 13.77 19.46
CA ASN A 57 14.25 12.95 20.37
C ASN A 57 15.57 12.51 19.77
N LYS A 58 15.98 13.19 18.68
CA LYS A 58 17.23 12.92 17.96
C LYS A 58 17.58 11.44 17.98
N ARG A 59 16.70 10.61 17.44
CA ARG A 59 16.83 9.15 17.59
C ARG A 59 18.04 8.65 16.83
N THR A 60 18.72 7.63 17.33
CA THR A 60 19.87 7.09 16.60
C THR A 60 19.38 6.30 15.35
N GLN A 61 18.08 5.98 15.26
CA GLN A 61 17.52 5.30 14.12
C GLN A 61 16.26 6.08 13.70
N PRO A 62 16.42 7.22 13.01
CA PRO A 62 15.25 8.08 12.76
C PRO A 62 14.43 7.70 11.56
N THR A 63 13.16 8.10 11.55
CA THR A 63 12.30 7.94 10.35
C THR A 63 12.59 9.07 9.40
N PHE A 64 12.16 8.93 8.17
CA PHE A 64 12.38 9.89 7.14
C PHE A 64 11.44 9.66 5.99
N GLY A 65 11.41 10.66 5.11
CA GLY A 65 10.78 10.55 3.81
C GLY A 65 11.36 11.46 2.74
N PHE A 66 11.25 11.05 1.47
CA PHE A 66 11.66 11.83 0.32
C PHE A 66 10.87 11.55 -0.94
N THR A 67 10.89 12.54 -1.79
CA THR A 67 10.20 12.55 -3.05
C THR A 67 11.27 12.52 -4.15
N VAL A 68 11.07 11.66 -5.11
CA VAL A 68 11.87 11.61 -6.34
C VAL A 68 11.00 12.13 -7.48
N ASN A 69 11.50 13.22 -8.05
CA ASN A 69 10.91 13.96 -9.13
C ASN A 69 11.59 13.57 -10.40
N TRP A 70 11.03 12.52 -10.99
CA TRP A 70 11.62 11.86 -12.13
C TRP A 70 11.78 12.85 -13.29
N LYS A 71 12.94 12.81 -13.94
CA LYS A 71 13.27 13.73 -15.04
C LYS A 71 13.07 13.08 -16.41
N PHE A 72 12.60 11.84 -16.44
CA PHE A 72 12.31 11.17 -17.68
C PHE A 72 10.89 10.58 -17.70
N SER A 73 10.03 10.95 -16.74
CA SER A 73 8.67 10.46 -16.73
C SER A 73 7.79 11.59 -16.22
N GLU A 74 6.50 11.52 -16.46
CA GLU A 74 5.54 12.39 -15.79
C GLU A 74 5.23 11.95 -14.34
N SER A 75 5.77 10.82 -13.95
CA SER A 75 5.53 10.18 -12.67
C SER A 75 6.35 10.77 -11.44
N THR A 76 5.86 10.45 -10.23
CA THR A 76 6.51 10.76 -8.94
C THR A 76 6.53 9.50 -8.06
N THR A 77 7.68 9.26 -7.44
CA THR A 77 7.78 8.25 -6.43
C THR A 77 8.11 8.92 -5.03
N VAL A 78 7.48 8.43 -3.96
CA VAL A 78 7.77 8.85 -2.57
C VAL A 78 8.17 7.70 -1.83
N PHE A 79 9.23 7.87 -1.04
CA PHE A 79 9.81 6.78 -0.23
C PHE A 79 9.75 7.21 1.26
N THR A 80 9.43 6.26 2.14
CA THR A 80 9.49 6.49 3.61
C THR A 80 9.99 5.27 4.32
N GLY A 81 10.80 5.48 5.33
CA GLY A 81 11.42 4.38 6.06
C GLY A 81 12.15 4.78 7.34
N GLN A 82 13.13 3.96 7.72
CA GLN A 82 13.87 4.18 8.93
C GLN A 82 15.27 3.62 8.72
N CYS A 83 16.21 4.32 9.30
CA CYS A 83 17.59 4.00 9.19
C CYS A 83 17.90 3.10 10.35
N PHE A 84 18.36 1.86 10.12
CA PHE A 84 18.77 0.96 11.19
C PHE A 84 20.26 0.71 11.16
N ILE A 85 20.80 0.40 12.32
CA ILE A 85 22.15 -0.02 12.45
C ILE A 85 21.97 -1.49 12.79
N ASP A 86 22.44 -2.35 11.88
CA ASP A 86 22.11 -3.77 11.86
C ASP A 86 23.03 -4.52 12.78
N ARG A 87 22.65 -5.74 13.16
CA ARG A 87 23.47 -6.63 14.01
C ARG A 87 24.90 -6.96 13.56
N ASN A 88 25.17 -6.82 12.27
CA ASN A 88 26.56 -6.86 11.76
C ASN A 88 27.30 -5.50 11.86
N GLY A 89 26.59 -4.45 12.28
CA GLY A 89 27.14 -3.10 12.44
C GLY A 89 26.91 -2.21 11.23
N LYS A 90 26.23 -2.76 10.19
CA LYS A 90 25.99 -2.09 8.89
C LYS A 90 24.76 -1.20 8.97
N GLU A 91 24.76 -0.08 8.26
CA GLU A 91 23.58 0.74 8.25
C GLU A 91 22.71 0.22 7.13
N VAL A 92 21.42 0.35 7.29
CA VAL A 92 20.50 -0.11 6.28
C VAL A 92 19.23 0.73 6.34
N LEU A 93 18.71 1.10 5.20
CA LEU A 93 17.48 1.84 5.18
C LEU A 93 16.38 0.84 4.73
N LYS A 94 15.37 0.71 5.56
CA LYS A 94 14.21 -0.07 5.20
C LYS A 94 13.18 0.94 4.80
N THR A 95 12.73 0.82 3.54
CA THR A 95 11.79 1.74 2.96
C THR A 95 10.64 1.07 2.24
N MET A 96 9.54 1.80 2.17
CA MET A 96 8.42 1.49 1.31
C MET A 96 8.14 2.72 0.47
N TRP A 97 7.61 2.51 -0.75
CA TRP A 97 7.40 3.55 -1.74
C TRP A 97 6.02 3.45 -2.38
N LEU A 98 5.54 4.59 -2.76
CA LEU A 98 4.40 4.75 -3.66
C LEU A 98 4.85 5.47 -4.95
N LEU A 99 4.56 4.86 -6.10
CA LEU A 99 4.84 5.34 -7.45
C LEU A 99 3.56 5.74 -8.12
N ARG A 100 3.40 7.07 -8.27
CA ARG A 100 2.21 7.69 -8.87
C ARG A 100 2.49 7.94 -10.31
N SER A 101 1.68 7.34 -11.20
CA SER A 101 1.69 7.63 -12.60
C SER A 101 0.69 8.70 -12.92
N SER A 102 0.93 9.35 -14.07
CA SER A 102 0.04 10.30 -14.57
C SER A 102 -1.11 9.58 -15.37
N VAL A 103 -2.34 10.01 -15.19
CA VAL A 103 -3.43 9.54 -16.03
C VAL A 103 -4.15 10.72 -16.57
N ASN A 104 -4.79 10.54 -17.72
CA ASN A 104 -5.32 11.64 -18.46
C ASN A 104 -6.65 12.04 -17.92
N ASP A 105 -7.34 11.09 -17.33
CA ASP A 105 -8.66 11.31 -16.88
C ASP A 105 -8.79 10.85 -15.46
N ILE A 106 -9.55 11.62 -14.69
CA ILE A 106 -9.78 11.34 -13.27
C ILE A 106 -10.45 9.99 -13.02
N GLY A 107 -11.27 9.53 -13.98
CA GLY A 107 -11.91 8.21 -13.92
C GLY A 107 -10.89 7.09 -13.92
N ASP A 108 -9.65 7.38 -14.28
CA ASP A 108 -8.59 6.36 -14.22
C ASP A 108 -7.70 6.46 -13.00
N ASP A 109 -8.06 7.34 -12.07
CA ASP A 109 -7.21 7.59 -10.91
C ASP A 109 -6.93 6.30 -10.14
N TRP A 110 -7.97 5.41 -10.09
CA TRP A 110 -7.93 4.24 -9.25
C TRP A 110 -6.68 3.35 -9.54
N LYS A 111 -6.19 3.37 -10.77
CA LYS A 111 -5.16 2.46 -11.21
C LYS A 111 -3.78 3.10 -11.20
N ALA A 112 -3.70 4.35 -10.72
CA ALA A 112 -2.45 5.21 -10.84
C ALA A 112 -1.32 4.97 -9.88
N THR A 113 -1.57 4.22 -8.78
CA THR A 113 -0.60 4.17 -7.66
C THR A 113 -0.16 2.74 -7.42
N ARG A 114 1.10 2.52 -7.59
CA ARG A 114 1.74 1.27 -7.24
C ARG A 114 2.53 1.38 -5.92
N VAL A 115 2.80 0.22 -5.31
CA VAL A 115 3.38 0.16 -3.95
C VAL A 115 4.49 -0.89 -3.94
N GLY A 116 5.51 -0.66 -3.15
CA GLY A 116 6.59 -1.67 -3.07
C GLY A 116 7.50 -1.30 -1.95
N ILE A 117 8.60 -2.01 -1.83
CA ILE A 117 9.62 -1.75 -0.84
C ILE A 117 11.01 -1.59 -1.50
N ASN A 118 11.95 -1.02 -0.74
CA ASN A 118 13.38 -1.11 -1.04
C ASN A 118 14.18 -1.12 0.22
N ILE A 119 15.24 -1.95 0.19
CA ILE A 119 16.25 -1.99 1.23
C ILE A 119 17.54 -1.36 0.63
N PHE A 120 18.08 -0.32 1.25
CA PHE A 120 19.34 0.28 0.82
C PHE A 120 20.46 -0.02 1.80
N THR A 121 21.64 -0.23 1.25
CA THR A 121 22.88 -0.37 2.01
C THR A 121 23.93 0.58 1.42
N ARG A 122 24.92 0.92 2.22
CA ARG A 122 25.97 1.83 1.77
C ARG A 122 26.85 1.28 0.70
N LEU A 123 27.20 2.20 -0.20
CA LEU A 123 28.08 1.97 -1.34
C LEU A 123 29.29 2.92 -1.28
N ARG B 2 -6.96 26.44 -16.52
CA ARG B 2 -5.48 26.61 -16.75
C ARG B 2 -4.71 25.30 -16.35
N LYS B 3 -3.59 25.45 -15.64
CA LYS B 3 -2.89 24.33 -15.05
C LYS B 3 -3.41 24.18 -13.65
N CYS B 4 -3.30 22.95 -13.15
CA CYS B 4 -3.69 22.61 -11.81
C CYS B 4 -2.43 22.93 -11.00
N SER B 5 -2.59 23.86 -10.07
CA SER B 5 -1.49 24.38 -9.30
C SER B 5 -1.64 23.97 -7.85
N LEU B 6 -0.54 23.50 -7.26
CA LEU B 6 -0.48 23.14 -5.85
C LEU B 6 -0.50 24.28 -4.82
N THR B 7 -0.05 25.46 -5.22
CA THR B 7 0.03 26.62 -4.36
C THR B 7 -1.35 26.95 -3.81
N GLY B 8 -1.41 27.18 -2.51
CA GLY B 8 -2.57 27.80 -1.87
C GLY B 8 -3.02 26.90 -0.78
N LYS B 9 -4.28 27.08 -0.41
CA LYS B 9 -4.85 26.47 0.75
C LYS B 9 -5.85 25.34 0.43
N TRP B 10 -5.65 24.23 1.11
CA TRP B 10 -6.36 23.01 0.81
C TRP B 10 -6.95 22.42 2.09
N THR B 11 -8.01 21.62 1.95
CA THR B 11 -8.53 20.81 3.05
C THR B 11 -8.83 19.43 2.52
N ASN B 12 -8.72 18.41 3.36
CA ASN B 12 -9.04 17.10 2.92
C ASN B 12 -10.26 16.50 3.54
N ASP B 13 -10.64 15.30 3.05
CA ASP B 13 -11.84 14.52 3.55
C ASP B 13 -11.86 14.24 5.05
N LEU B 14 -10.67 14.22 5.67
CA LEU B 14 -10.53 14.05 7.10
C LEU B 14 -10.60 15.35 7.87
N GLY B 15 -10.60 16.51 7.19
CA GLY B 15 -10.65 17.83 7.88
C GLY B 15 -9.31 18.49 8.09
N SER B 16 -8.23 17.78 7.74
CA SER B 16 -6.87 18.35 7.77
C SER B 16 -6.75 19.50 6.77
N ASN B 17 -5.95 20.47 7.14
CA ASN B 17 -5.57 21.55 6.27
C ASN B 17 -4.10 21.47 5.89
N MET B 18 -3.78 22.01 4.72
CA MET B 18 -2.40 22.35 4.40
C MET B 18 -2.35 23.54 3.52
N THR B 19 -1.29 24.33 3.69
CA THR B 19 -1.02 25.44 2.85
C THR B 19 0.31 25.19 2.19
N ILE B 20 0.34 25.27 0.85
CA ILE B 20 1.55 25.18 0.03
C ILE B 20 1.90 26.54 -0.59
N GLY B 21 3.18 26.91 -0.57
CA GLY B 21 3.66 28.19 -1.10
C GLY B 21 3.96 28.07 -2.58
N ALA B 22 4.67 29.07 -3.09
CA ALA B 22 5.04 29.12 -4.51
C ALA B 22 5.89 27.87 -4.91
N VAL B 23 5.58 27.33 -6.09
CA VAL B 23 6.30 26.26 -6.71
C VAL B 23 7.38 26.92 -7.58
N ASN B 24 8.67 26.69 -7.29
CA ASN B 24 9.73 27.24 -8.10
C ASN B 24 9.91 26.53 -9.45
N SER B 25 10.86 27.01 -10.26
CA SER B 25 11.07 26.45 -11.61
C SER B 25 11.55 24.98 -11.62
N ARG B 26 12.10 24.47 -10.52
CA ARG B 26 12.40 23.04 -10.43
C ARG B 26 11.28 22.23 -9.84
N GLY B 27 10.16 22.89 -9.53
CA GLY B 27 8.96 22.19 -9.05
C GLY B 27 8.93 22.02 -7.54
N GLU B 28 9.91 22.60 -6.86
CA GLU B 28 10.06 22.51 -5.41
C GLU B 28 9.08 23.45 -4.68
N PHE B 29 8.42 22.92 -3.64
CA PHE B 29 7.54 23.71 -2.79
C PHE B 29 7.71 23.33 -1.31
N THR B 30 7.37 24.28 -0.46
CA THR B 30 7.29 24.16 0.99
C THR B 30 5.94 24.70 1.50
N GLY B 31 5.60 24.29 2.72
CA GLY B 31 4.31 24.56 3.30
C GLY B 31 4.21 24.14 4.75
N THR B 32 2.95 24.05 5.20
CA THR B 32 2.60 23.54 6.54
C THR B 32 1.39 22.61 6.45
N TYR B 33 1.30 21.67 7.40
CA TYR B 33 0.23 20.71 7.45
C TYR B 33 -0.31 20.66 8.85
N THR B 34 -1.62 20.77 8.97
CA THR B 34 -2.33 20.69 10.25
C THR B 34 -3.26 19.47 10.12
N THR B 35 -2.85 18.36 10.68
CA THR B 35 -3.72 17.21 10.66
C THR B 35 -4.93 17.48 11.61
N ALA B 36 -6.11 17.02 11.19
CA ALA B 36 -7.30 16.98 12.08
C ALA B 36 -7.37 15.71 12.92
N VAL B 37 -6.60 14.67 12.57
CA VAL B 37 -6.64 13.41 13.30
C VAL B 37 -5.23 12.94 13.67
N THR B 38 -5.18 12.09 14.65
CA THR B 38 -3.96 11.56 15.12
C THR B 38 -4.22 10.22 15.78
N ALA B 39 -3.19 9.39 15.81
CA ALA B 39 -3.31 8.01 16.26
C ALA B 39 -3.50 7.88 17.76
N THR B 40 -3.08 8.90 18.52
CA THR B 40 -3.06 8.86 19.97
C THR B 40 -3.38 10.25 20.56
N SER B 41 -3.33 10.34 21.86
CA SER B 41 -3.66 11.53 22.61
C SER B 41 -2.71 12.75 22.52
N ASN B 42 -1.48 12.60 22.02
CA ASN B 42 -0.52 13.75 21.99
C ASN B 42 -1.12 14.93 21.25
N GLU B 43 -0.77 16.13 21.67
CA GLU B 43 -1.31 17.33 21.03
C GLU B 43 -0.76 17.49 19.63
N ILE B 44 -1.66 17.72 18.68
CA ILE B 44 -1.27 18.03 17.30
C ILE B 44 -0.57 19.38 17.23
N LYS B 45 0.54 19.39 16.52
CA LYS B 45 1.27 20.60 16.19
C LYS B 45 1.35 20.69 14.64
N GLU B 46 1.16 21.91 14.12
CA GLU B 46 1.41 22.22 12.72
C GLU B 46 2.80 21.71 12.37
N SER B 47 2.93 21.10 11.22
CA SER B 47 4.19 20.52 10.83
C SER B 47 4.57 20.95 9.44
N PRO B 48 5.88 21.07 9.21
CA PRO B 48 6.33 21.47 7.89
C PRO B 48 6.14 20.32 6.86
N LEU B 49 5.96 20.72 5.60
CA LEU B 49 6.06 19.80 4.47
C LEU B 49 6.95 20.36 3.40
N HIS B 50 7.56 19.44 2.68
CA HIS B 50 8.47 19.77 1.56
C HIS B 50 8.25 18.73 0.46
N GLY B 51 8.16 19.23 -0.77
CA GLY B 51 7.75 18.43 -1.91
C GLY B 51 8.19 18.96 -3.25
N THR B 52 7.81 18.19 -4.26
CA THR B 52 8.06 18.50 -5.64
C THR B 52 6.87 18.06 -6.45
N GLN B 53 6.61 18.90 -7.45
CA GLN B 53 5.69 18.68 -8.52
C GLN B 53 6.53 18.29 -9.73
N ASN B 54 6.06 17.30 -10.45
CA ASN B 54 6.70 16.88 -11.69
C ASN B 54 6.39 17.89 -12.76
N THR B 55 7.42 18.37 -13.47
CA THR B 55 7.29 19.36 -14.56
C THR B 55 7.54 18.85 -16.00
N ILE B 56 7.85 17.56 -16.14
CA ILE B 56 8.12 16.96 -17.44
C ILE B 56 6.84 17.05 -18.29
N ASN B 57 7.02 17.58 -19.49
CA ASN B 57 5.95 17.93 -20.43
C ASN B 57 4.97 18.96 -19.88
N LYS B 58 5.38 19.66 -18.82
CA LYS B 58 4.59 20.68 -18.15
C LYS B 58 3.10 20.36 -18.22
N ARG B 59 2.73 19.24 -17.62
CA ARG B 59 1.35 18.75 -17.77
C ARG B 59 0.41 19.70 -17.06
N THR B 60 -0.80 19.89 -17.58
CA THR B 60 -1.75 20.73 -16.85
C THR B 60 -2.28 19.99 -15.58
N GLN B 61 -2.06 18.66 -15.46
CA GLN B 61 -2.47 17.89 -14.29
C GLN B 61 -1.25 17.09 -13.82
N PRO B 62 -0.29 17.74 -13.10
CA PRO B 62 0.98 17.06 -12.82
C PRO B 62 0.91 16.15 -11.62
N THR B 63 1.76 15.13 -11.61
CA THR B 63 1.99 14.31 -10.42
C THR B 63 2.90 15.10 -9.46
N PHE B 64 2.93 14.65 -8.21
CA PHE B 64 3.66 15.32 -7.14
C PHE B 64 3.79 14.41 -5.96
N GLY B 65 4.71 14.84 -5.09
CA GLY B 65 4.89 14.22 -3.79
C GLY B 65 5.46 15.17 -2.75
N PHE B 66 5.16 14.87 -1.49
CA PHE B 66 5.71 15.55 -0.36
C PHE B 66 5.80 14.74 0.91
N THR B 67 6.71 15.21 1.77
CA THR B 67 7.01 14.60 3.05
C THR B 67 6.50 15.59 4.13
N VAL B 68 5.76 15.02 5.10
CA VAL B 68 5.41 15.72 6.30
C VAL B 68 6.19 15.12 7.45
N ASN B 69 6.95 15.99 8.03
CA ASN B 69 7.80 15.69 9.11
C ASN B 69 7.19 16.22 10.40
N TRP B 70 6.51 15.28 11.03
CA TRP B 70 5.61 15.55 12.11
C TRP B 70 6.46 16.11 13.27
N LYS B 71 5.93 17.17 13.91
CA LYS B 71 6.64 17.85 15.00
C LYS B 71 6.18 17.40 16.38
N PHE B 72 5.27 16.43 16.41
CA PHE B 72 4.73 15.90 17.64
C PHE B 72 4.79 14.39 17.70
N SER B 73 5.47 13.73 16.75
CA SER B 73 5.61 12.28 16.74
C SER B 73 7.01 11.97 16.22
N GLU B 74 7.54 10.78 16.47
CA GLU B 74 8.75 10.33 15.79
C GLU B 74 8.47 9.86 14.34
N SER B 75 7.21 9.90 13.92
CA SER B 75 6.76 9.41 12.63
C SER B 75 6.90 10.39 11.42
N THR B 76 6.77 9.82 10.20
CA THR B 76 6.85 10.54 8.94
C THR B 76 5.73 10.05 8.04
N THR B 77 5.00 10.97 7.41
CA THR B 77 4.06 10.66 6.35
C THR B 77 4.56 11.19 5.00
N VAL B 78 4.41 10.39 3.94
CA VAL B 78 4.72 10.83 2.56
C VAL B 78 3.46 10.71 1.78
N PHE B 79 3.15 11.73 0.96
CA PHE B 79 1.94 11.74 0.19
C PHE B 79 2.39 11.81 -1.28
N THR B 80 1.65 11.13 -2.17
CA THR B 80 1.83 11.26 -3.58
C THR B 80 0.52 11.15 -4.34
N GLY B 81 0.38 11.99 -5.37
CA GLY B 81 -0.89 12.10 -6.12
C GLY B 81 -0.80 12.92 -7.39
N GLN B 82 -1.97 13.42 -7.81
CA GLN B 82 -2.07 14.12 -9.03
C GLN B 82 -3.16 15.19 -8.89
N CYS B 83 -2.89 16.33 -9.52
CA CYS B 83 -3.72 17.53 -9.38
C CYS B 83 -4.66 17.50 -10.55
N PHE B 84 -5.95 17.34 -10.34
CA PHE B 84 -6.91 17.30 -11.44
C PHE B 84 -7.69 18.60 -11.46
N ILE B 85 -8.18 18.97 -12.64
CA ILE B 85 -8.96 20.16 -12.81
C ILE B 85 -10.08 19.94 -13.80
N ASP B 86 -11.34 20.24 -13.42
CA ASP B 86 -12.52 20.05 -14.31
C ASP B 86 -12.79 21.31 -15.11
N ARG B 87 -13.69 21.22 -16.10
CA ARG B 87 -14.01 22.32 -17.04
C ARG B 87 -14.47 23.67 -16.43
N ASN B 88 -14.99 23.64 -15.19
CA ASN B 88 -15.24 24.89 -14.44
C ASN B 88 -13.99 25.42 -13.70
N GLY B 89 -12.88 24.68 -13.76
CA GLY B 89 -11.65 25.07 -13.12
C GLY B 89 -11.59 24.63 -11.68
N LYS B 90 -12.51 23.76 -11.27
CA LYS B 90 -12.47 23.20 -9.91
C LYS B 90 -11.31 22.20 -9.77
N GLU B 91 -10.43 22.43 -8.82
CA GLU B 91 -9.23 21.58 -8.65
C GLU B 91 -9.36 20.56 -7.50
N VAL B 92 -8.65 19.45 -7.61
CA VAL B 92 -8.72 18.45 -6.58
C VAL B 92 -7.41 17.70 -6.60
N LEU B 93 -6.89 17.35 -5.44
CA LEU B 93 -5.70 16.48 -5.37
C LEU B 93 -6.14 15.08 -4.93
N LYS B 94 -5.89 14.07 -5.75
CA LYS B 94 -6.13 12.72 -5.39
C LYS B 94 -4.79 12.19 -4.95
N THR B 95 -4.73 11.76 -3.68
CA THR B 95 -3.47 11.29 -3.08
C THR B 95 -3.61 9.97 -2.36
N MET B 96 -2.46 9.31 -2.24
CA MET B 96 -2.27 8.21 -1.37
C MET B 96 -1.06 8.55 -0.51
N TRP B 97 -1.04 7.99 0.72
CA TRP B 97 0.06 8.19 1.67
C TRP B 97 0.58 6.89 2.29
N LEU B 98 1.84 6.92 2.67
CA LEU B 98 2.42 6.03 3.60
C LEU B 98 2.82 6.76 4.89
N LEU B 99 2.38 6.24 6.04
CA LEU B 99 2.71 6.72 7.41
C LEU B 99 3.65 5.70 8.01
N ARG B 100 4.91 6.10 8.10
CA ARG B 100 5.94 5.39 8.77
C ARG B 100 6.06 5.76 10.29
N SER B 101 5.88 4.79 11.18
CA SER B 101 6.21 4.91 12.60
C SER B 101 7.65 4.48 12.85
N SER B 102 8.15 4.97 13.95
CA SER B 102 9.45 4.57 14.45
C SER B 102 9.35 3.26 15.18
N VAL B 103 10.28 2.34 14.96
CA VAL B 103 10.38 1.16 15.80
C VAL B 103 11.78 1.07 16.32
N ASN B 104 11.92 0.42 17.47
CA ASN B 104 13.15 0.38 18.18
C ASN B 104 14.09 -0.59 17.58
N ASP B 105 13.52 -1.61 16.96
CA ASP B 105 14.29 -2.68 16.44
C ASP B 105 13.89 -3.09 15.01
N ILE B 106 14.87 -3.52 14.21
CA ILE B 106 14.69 -3.99 12.85
C ILE B 106 13.75 -5.18 12.69
N GLY B 107 13.69 -6.02 13.69
CA GLY B 107 12.74 -7.10 13.73
C GLY B 107 11.29 -6.63 13.75
N ASP B 108 11.04 -5.35 14.04
CA ASP B 108 9.69 -4.83 14.06
C ASP B 108 9.39 -3.98 12.88
N ASP B 109 10.32 -3.93 11.93
CA ASP B 109 10.09 -3.11 10.77
C ASP B 109 8.79 -3.43 10.04
N TRP B 110 8.44 -4.74 10.00
CA TRP B 110 7.31 -5.21 9.21
C TRP B 110 5.98 -4.48 9.51
N LYS B 111 5.79 -4.10 10.73
CA LYS B 111 4.60 -3.50 11.19
C LYS B 111 4.60 -1.94 11.16
N ALA B 112 5.66 -1.34 10.63
CA ALA B 112 5.89 0.10 10.78
C ALA B 112 5.15 1.03 9.81
N THR B 113 4.47 0.52 8.76
CA THR B 113 4.02 1.32 7.66
C THR B 113 2.55 1.11 7.46
N ARG B 114 1.81 2.19 7.65
CA ARG B 114 0.40 2.26 7.29
C ARG B 114 0.15 2.95 5.98
N VAL B 115 -1.03 2.69 5.39
CA VAL B 115 -1.33 3.16 4.07
C VAL B 115 -2.77 3.72 4.05
N GLY B 116 -3.02 4.70 3.22
CA GLY B 116 -4.35 5.30 3.07
C GLY B 116 -4.41 6.29 1.96
N ILE B 117 -5.54 6.95 1.82
CA ILE B 117 -5.71 7.91 0.79
C ILE B 117 -6.17 9.27 1.42
N ASN B 118 -6.05 10.32 0.62
CA ASN B 118 -6.77 11.63 0.91
C ASN B 118 -7.11 12.33 -0.38
N ILE B 119 -8.27 12.95 -0.37
CA ILE B 119 -8.74 13.80 -1.43
C ILE B 119 -8.77 15.27 -0.89
N PHE B 120 -8.07 16.20 -1.55
CA PHE B 120 -8.03 17.61 -1.11
C PHE B 120 -8.72 18.52 -2.13
N THR B 121 -9.45 19.47 -1.61
CA THR B 121 -10.09 20.48 -2.39
C THR B 121 -9.70 21.86 -1.81
N ARG B 122 -9.82 22.88 -2.62
CA ARG B 122 -9.44 24.23 -2.19
C ARG B 122 -10.33 24.89 -1.16
N LEU B 123 -9.72 25.74 -0.35
CA LEU B 123 -10.44 26.72 0.48
C LEU B 123 -10.61 28.04 -0.28
N ARG C 2 -28.33 -7.03 15.70
CA ARG C 2 -27.69 -6.04 14.77
C ARG C 2 -26.15 -6.04 14.84
N LYS C 3 -25.65 -6.80 13.90
CA LYS C 3 -24.28 -6.84 13.57
C LYS C 3 -24.24 -6.39 12.14
N CYS C 4 -23.06 -5.97 11.75
CA CYS C 4 -22.82 -5.54 10.40
C CYS C 4 -22.51 -6.86 9.71
N SER C 5 -23.34 -7.17 8.71
CA SER C 5 -23.30 -8.44 8.02
C SER C 5 -22.91 -8.22 6.57
N LEU C 6 -21.96 -9.03 6.10
CA LEU C 6 -21.50 -9.01 4.71
C LEU C 6 -22.44 -9.55 3.64
N THR C 7 -23.34 -10.44 4.03
CA THR C 7 -24.30 -11.08 3.11
C THR C 7 -25.17 -10.07 2.42
N GLY C 8 -25.29 -10.21 1.10
CA GLY C 8 -26.20 -9.44 0.33
C GLY C 8 -25.45 -8.69 -0.75
N LYS C 9 -26.09 -7.65 -1.23
CA LYS C 9 -25.68 -6.91 -2.48
C LYS C 9 -25.18 -5.52 -2.20
N TRP C 10 -24.05 -5.23 -2.79
CA TRP C 10 -23.25 -4.08 -2.46
C TRP C 10 -22.80 -3.38 -3.71
N THR C 11 -22.50 -2.09 -3.61
CA THR C 11 -21.98 -1.32 -4.72
C THR C 11 -20.96 -0.35 -4.15
N ASN C 12 -19.90 -0.09 -4.89
CA ASN C 12 -18.84 0.78 -4.42
C ASN C 12 -18.75 2.10 -5.14
N ASP C 13 -17.90 3.00 -4.63
CA ASP C 13 -17.68 4.38 -5.16
C ASP C 13 -17.28 4.43 -6.66
N LEU C 14 -16.70 3.33 -7.16
CA LEU C 14 -16.39 3.19 -8.56
C LEU C 14 -17.58 2.66 -9.40
N GLY C 15 -18.68 2.21 -8.81
CA GLY C 15 -19.79 1.63 -9.54
C GLY C 15 -19.80 0.11 -9.61
N SER C 16 -18.74 -0.53 -9.13
CA SER C 16 -18.69 -1.98 -9.11
C SER C 16 -19.72 -2.57 -8.14
N ASN C 17 -20.29 -3.74 -8.53
CA ASN C 17 -21.18 -4.49 -7.69
C ASN C 17 -20.51 -5.78 -7.18
N MET C 18 -20.93 -6.23 -5.99
CA MET C 18 -20.68 -7.61 -5.54
C MET C 18 -21.82 -8.16 -4.72
N THR C 19 -22.06 -9.45 -4.84
CA THR C 19 -23.04 -10.14 -4.08
C THR C 19 -22.37 -11.24 -3.30
N ILE C 20 -22.54 -11.20 -1.97
CA ILE C 20 -21.97 -12.16 -1.02
C ILE C 20 -23.10 -13.00 -0.51
N GLY C 21 -22.87 -14.29 -0.40
CA GLY C 21 -23.85 -15.23 0.16
C GLY C 21 -23.76 -15.30 1.68
N ALA C 22 -24.39 -16.33 2.23
CA ALA C 22 -24.36 -16.58 3.64
C ALA C 22 -22.91 -16.75 4.17
N VAL C 23 -22.70 -16.22 5.37
CA VAL C 23 -21.46 -16.33 6.11
C VAL C 23 -21.65 -17.45 7.11
N ASN C 24 -20.87 -18.51 6.99
CA ASN C 24 -21.03 -19.66 7.84
C ASN C 24 -20.45 -19.40 9.24
N SER C 25 -20.58 -20.38 10.13
CA SER C 25 -20.13 -20.20 11.50
C SER C 25 -18.60 -20.00 11.63
N ARG C 26 -17.80 -20.37 10.63
CA ARG C 26 -16.35 -20.06 10.67
C ARG C 26 -16.02 -18.74 10.06
N GLY C 27 -17.03 -18.03 9.58
CA GLY C 27 -16.85 -16.75 8.94
C GLY C 27 -16.60 -16.78 7.45
N GLU C 28 -16.70 -17.96 6.81
CA GLU C 28 -16.40 -18.16 5.39
C GLU C 28 -17.59 -17.72 4.54
N PHE C 29 -17.29 -17.03 3.45
CA PHE C 29 -18.29 -16.62 2.47
C PHE C 29 -17.74 -16.68 1.04
N THR C 30 -18.64 -16.83 0.11
CA THR C 30 -18.42 -16.81 -1.34
C THR C 30 -19.46 -15.88 -2.02
N GLY C 31 -19.13 -15.50 -3.25
CA GLY C 31 -19.89 -14.52 -3.99
C GLY C 31 -19.40 -14.31 -5.39
N THR C 32 -19.83 -13.19 -5.97
CA THR C 32 -19.43 -12.75 -7.31
C THR C 32 -19.16 -11.24 -7.31
N TYR C 33 -18.30 -10.80 -8.22
CA TYR C 33 -17.86 -9.42 -8.30
C TYR C 33 -17.93 -9.02 -9.77
N THR C 34 -18.63 -7.92 -10.03
CA THR C 34 -18.71 -7.27 -11.33
C THR C 34 -18.02 -5.90 -11.20
N THR C 35 -16.77 -5.81 -11.64
CA THR C 35 -16.11 -4.52 -11.65
C THR C 35 -16.72 -3.58 -12.68
N ALA C 36 -16.76 -2.30 -12.39
CA ALA C 36 -17.19 -1.29 -13.37
C ALA C 36 -16.03 -0.74 -14.17
N VAL C 37 -14.81 -1.01 -13.71
CA VAL C 37 -13.63 -0.47 -14.34
C VAL C 37 -12.58 -1.56 -14.54
N THR C 38 -11.67 -1.32 -15.47
CA THR C 38 -10.63 -2.26 -15.71
C THR C 38 -9.44 -1.52 -16.25
N ALA C 39 -8.26 -2.12 -16.13
CA ALA C 39 -6.99 -1.45 -16.51
C ALA C 39 -6.79 -1.30 -18.03
N THR C 40 -7.50 -2.14 -18.81
CA THR C 40 -7.32 -2.21 -20.24
C THR C 40 -8.66 -2.47 -20.96
N SER C 41 -8.57 -2.63 -22.27
CA SER C 41 -9.71 -2.82 -23.15
C SER C 41 -10.47 -4.14 -23.08
N ASN C 42 -9.91 -5.17 -22.46
CA ASN C 42 -10.55 -6.51 -22.46
C ASN C 42 -11.95 -6.42 -21.87
N GLU C 43 -12.87 -7.24 -22.35
CA GLU C 43 -14.23 -7.22 -21.83
C GLU C 43 -14.29 -7.74 -20.37
N ILE C 44 -14.96 -7.00 -19.49
CA ILE C 44 -15.21 -7.44 -18.12
C ILE C 44 -16.16 -8.62 -18.07
N LYS C 45 -15.78 -9.58 -17.23
CA LYS C 45 -16.61 -10.75 -16.93
C LYS C 45 -16.80 -10.83 -15.40
N GLU C 46 -18.01 -11.19 -14.98
CA GLU C 46 -18.27 -11.44 -13.55
C GLU C 46 -17.23 -12.44 -13.03
N SER C 47 -16.76 -12.26 -11.83
CA SER C 47 -15.71 -13.11 -11.28
C SER C 47 -16.00 -13.54 -9.86
N PRO C 48 -15.52 -14.73 -9.47
CA PRO C 48 -15.82 -15.24 -8.15
C PRO C 48 -15.01 -14.57 -7.13
N LEU C 49 -15.55 -14.52 -5.89
CA LEU C 49 -14.79 -14.09 -4.70
C LEU C 49 -15.00 -15.03 -3.55
N HIS C 50 -13.97 -15.13 -2.73
CA HIS C 50 -13.95 -16.01 -1.56
C HIS C 50 -13.26 -15.25 -0.44
N GLY C 51 -13.88 -15.30 0.75
CA GLY C 51 -13.43 -14.56 1.88
C GLY C 51 -13.85 -15.08 3.22
N THR C 52 -13.34 -14.38 4.24
CA THR C 52 -13.60 -14.64 5.62
C THR C 52 -13.79 -13.31 6.35
N GLN C 53 -14.74 -13.35 7.28
CA GLN C 53 -15.01 -12.36 8.29
C GLN C 53 -14.42 -12.89 9.62
N ASN C 54 -13.77 -11.99 10.37
CA ASN C 54 -13.15 -12.30 11.63
C ASN C 54 -14.24 -12.36 12.68
N THR C 55 -14.27 -13.45 13.46
CA THR C 55 -15.34 -13.71 14.46
C THR C 55 -14.92 -13.59 15.89
N ILE C 56 -13.65 -13.29 16.11
CA ILE C 56 -13.09 -13.19 17.45
C ILE C 56 -13.84 -12.04 18.17
N ASN C 57 -14.36 -12.40 19.33
CA ASN C 57 -15.23 -11.54 20.17
C ASN C 57 -16.52 -11.17 19.48
N LYS C 58 -16.87 -11.91 18.41
CA LYS C 58 -18.08 -11.71 17.61
C LYS C 58 -18.46 -10.24 17.56
N ARG C 59 -17.57 -9.42 17.02
CA ARG C 59 -17.75 -7.97 17.06
C ARG C 59 -18.92 -7.56 16.20
N THR C 60 -19.67 -6.53 16.59
CA THR C 60 -20.76 -6.08 15.75
C THR C 60 -20.22 -5.35 14.48
N GLN C 61 -18.93 -4.98 14.46
CA GLN C 61 -18.30 -4.34 13.31
C GLN C 61 -17.04 -5.15 13.03
N PRO C 62 -17.15 -6.30 12.36
CA PRO C 62 -15.91 -7.14 12.18
C PRO C 62 -15.02 -6.76 11.00
N THR C 63 -13.73 -7.15 11.08
CA THR C 63 -12.87 -7.08 9.98
C THR C 63 -13.14 -8.27 9.07
N PHE C 64 -12.63 -8.20 7.85
CA PHE C 64 -12.77 -9.22 6.84
C PHE C 64 -11.80 -9.04 5.71
N GLY C 65 -11.67 -10.10 4.92
CA GLY C 65 -10.98 -10.04 3.68
C GLY C 65 -11.48 -11.00 2.65
N PHE C 66 -11.20 -10.69 1.39
CA PHE C 66 -11.47 -11.56 0.28
C PHE C 66 -10.62 -11.39 -0.94
N THR C 67 -10.61 -12.44 -1.77
CA THR C 67 -9.86 -12.56 -2.99
C THR C 67 -10.86 -12.60 -4.12
N VAL C 68 -10.60 -11.76 -5.14
CA VAL C 68 -11.26 -11.78 -6.41
C VAL C 68 -10.33 -12.36 -7.48
N ASN C 69 -10.81 -13.47 -8.02
CA ASN C 69 -10.10 -14.29 -8.98
C ASN C 69 -10.68 -13.96 -10.31
N TRP C 70 -10.06 -13.00 -10.96
CA TRP C 70 -10.57 -12.38 -12.14
C TRP C 70 -10.62 -13.41 -13.27
N LYS C 71 -11.72 -13.41 -14.01
CA LYS C 71 -11.96 -14.38 -15.09
C LYS C 71 -11.62 -13.84 -16.48
N PHE C 72 -11.16 -12.59 -16.56
CA PHE C 72 -10.81 -11.96 -17.78
C PHE C 72 -9.40 -11.35 -17.72
N SER C 73 -8.62 -11.69 -16.73
CA SER C 73 -7.26 -11.17 -16.63
C SER C 73 -6.42 -12.28 -15.98
N GLU C 74 -5.09 -12.21 -16.12
CA GLU C 74 -4.19 -13.06 -15.31
C GLU C 74 -3.99 -12.52 -13.88
N SER C 75 -4.61 -11.38 -13.60
CA SER C 75 -4.51 -10.70 -12.35
C SER C 75 -5.38 -11.26 -11.17
N THR C 76 -4.98 -10.90 -9.98
CA THR C 76 -5.75 -11.11 -8.70
C THR C 76 -5.83 -9.78 -7.88
N THR C 77 -7.00 -9.53 -7.33
CA THR C 77 -7.19 -8.45 -6.34
C THR C 77 -7.61 -9.04 -4.98
N VAL C 78 -7.07 -8.51 -3.92
CA VAL C 78 -7.46 -8.84 -2.55
C VAL C 78 -7.98 -7.56 -1.92
N PHE C 79 -9.04 -7.68 -1.16
CA PHE C 79 -9.59 -6.59 -0.44
C PHE C 79 -9.56 -6.92 1.03
N THR C 80 -9.29 -5.91 1.87
CA THR C 80 -9.51 -6.03 3.32
C THR C 80 -10.09 -4.74 3.98
N GLY C 81 -10.99 -4.90 4.94
CA GLY C 81 -11.70 -3.75 5.57
C GLY C 81 -12.49 -4.11 6.80
N GLN C 82 -13.55 -3.28 7.05
CA GLN C 82 -14.31 -3.46 8.21
C GLN C 82 -15.71 -2.97 7.92
N CYS C 83 -16.67 -3.66 8.53
CA CYS C 83 -18.05 -3.42 8.25
C CYS C 83 -18.51 -2.45 9.38
N PHE C 84 -19.00 -1.25 9.05
CA PHE C 84 -19.47 -0.29 10.04
C PHE C 84 -20.96 -0.08 9.89
N ILE C 85 -21.58 0.26 11.03
CA ILE C 85 -23.00 0.67 11.10
C ILE C 85 -23.12 2.05 11.73
N ASP C 86 -24.18 2.78 11.36
CA ASP C 86 -24.77 3.87 12.22
C ASP C 86 -26.13 3.48 12.91
N ARG C 87 -26.54 4.17 13.99
CA ARG C 87 -27.75 3.79 14.77
C ARG C 87 -29.11 3.71 14.01
N ASN C 88 -29.21 4.37 12.86
CA ASN C 88 -30.33 4.15 11.92
C ASN C 88 -30.13 2.95 10.99
N GLY C 89 -29.02 2.23 11.16
CA GLY C 89 -28.82 0.90 10.62
C GLY C 89 -28.08 0.82 9.29
N LYS C 90 -27.59 1.97 8.80
CA LYS C 90 -26.92 2.05 7.52
C LYS C 90 -25.57 1.40 7.62
N GLU C 91 -25.31 0.43 6.77
CA GLU C 91 -24.02 -0.29 6.79
C GLU C 91 -23.09 0.20 5.70
N VAL C 92 -21.79 0.10 5.95
CA VAL C 92 -20.84 0.53 4.97
C VAL C 92 -19.57 -0.26 5.15
N LEU C 93 -18.94 -0.65 4.07
CA LEU C 93 -17.65 -1.39 4.19
C LEU C 93 -16.56 -0.42 3.75
N LYS C 94 -15.60 -0.21 4.64
CA LYS C 94 -14.45 0.60 4.30
C LYS C 94 -13.33 -0.40 4.04
N THR C 95 -12.82 -0.37 2.79
CA THR C 95 -11.82 -1.32 2.35
C THR C 95 -10.62 -0.67 1.65
N MET C 96 -9.51 -1.41 1.65
CA MET C 96 -8.37 -1.16 0.89
C MET C 96 -8.08 -2.46 0.13
N TRP C 97 -7.48 -2.28 -1.06
CA TRP C 97 -7.15 -3.44 -1.96
C TRP C 97 -5.72 -3.41 -2.48
N LEU C 98 -5.24 -4.60 -2.81
CA LEU C 98 -4.05 -4.77 -3.59
C LEU C 98 -4.41 -5.55 -4.89
N LEU C 99 -4.03 -4.99 -6.04
CA LEU C 99 -4.23 -5.56 -7.40
C LEU C 99 -2.86 -6.00 -7.94
N ARG C 100 -2.71 -7.31 -7.96
CA ARG C 100 -1.52 -7.98 -8.48
C ARG C 100 -1.65 -8.34 -9.94
N SER C 101 -0.83 -7.74 -10.79
CA SER C 101 -0.73 -8.12 -12.18
C SER C 101 0.27 -9.23 -12.32
N SER C 102 0.09 -9.97 -13.41
CA SER C 102 1.10 -10.95 -13.77
C SER C 102 2.25 -10.21 -14.46
N VAL C 103 3.44 -10.66 -14.20
CA VAL C 103 4.56 -10.30 -15.04
C VAL C 103 5.20 -11.57 -15.56
N ASN C 104 5.81 -11.51 -16.73
CA ASN C 104 6.41 -12.69 -17.40
C ASN C 104 7.92 -12.81 -17.14
N ASP C 105 8.48 -11.86 -16.39
CA ASP C 105 9.82 -12.01 -15.83
C ASP C 105 9.85 -11.48 -14.36
N ILE C 106 10.50 -12.27 -13.51
CA ILE C 106 10.65 -11.98 -12.09
C ILE C 106 11.38 -10.62 -11.85
N GLY C 107 12.21 -10.20 -12.79
CA GLY C 107 12.87 -8.88 -12.71
C GLY C 107 11.85 -7.75 -12.76
N ASP C 108 10.62 -8.04 -13.12
CA ASP C 108 9.59 -7.02 -13.19
C ASP C 108 8.61 -7.09 -12.03
N ASP C 109 8.87 -7.98 -11.08
CA ASP C 109 8.02 -8.12 -9.96
C ASP C 109 7.70 -6.76 -9.26
N TRP C 110 8.73 -5.93 -9.12
CA TRP C 110 8.64 -4.67 -8.37
C TRP C 110 7.44 -3.82 -8.75
N LYS C 111 7.00 -3.91 -10.00
CA LYS C 111 5.97 -3.03 -10.53
C LYS C 111 4.61 -3.62 -10.56
N ALA C 112 4.48 -4.86 -10.00
CA ALA C 112 3.30 -5.68 -10.24
C ALA C 112 2.09 -5.37 -9.37
N THR C 113 2.22 -4.46 -8.38
CA THR C 113 1.23 -4.35 -7.36
C THR C 113 0.75 -2.92 -7.22
N ARG C 114 -0.54 -2.75 -7.54
CA ARG C 114 -1.21 -1.54 -7.27
C ARG C 114 -2.06 -1.56 -6.00
N VAL C 115 -2.35 -0.35 -5.50
CA VAL C 115 -3.01 -0.20 -4.18
C VAL C 115 -4.09 0.86 -4.31
N GLY C 116 -5.14 0.68 -3.56
CA GLY C 116 -6.25 1.67 -3.57
C GLY C 116 -7.24 1.39 -2.47
N ILE C 117 -8.37 2.15 -2.50
CA ILE C 117 -9.46 1.92 -1.57
C ILE C 117 -10.78 1.73 -2.29
N ASN C 118 -11.75 1.21 -1.56
CA ASN C 118 -13.16 1.24 -1.93
C ASN C 118 -14.04 1.32 -0.71
N ILE C 119 -15.16 2.03 -0.92
CA ILE C 119 -16.26 2.12 0.04
C ILE C 119 -17.48 1.49 -0.57
N PHE C 120 -18.04 0.49 0.09
CA PHE C 120 -19.27 -0.14 -0.37
C PHE C 120 -20.50 0.18 0.53
N THR C 121 -21.63 0.35 -0.12
CA THR C 121 -22.92 0.52 0.54
C THR C 121 -23.90 -0.46 -0.05
N ARG C 122 -24.95 -0.77 0.70
CA ARG C 122 -25.96 -1.73 0.22
C ARG C 122 -26.82 -1.25 -0.94
N LEU C 123 -27.21 -2.19 -1.81
CA LEU C 123 -28.19 -1.89 -2.84
C LEU C 123 -29.60 -2.12 -2.36
N ARG D 2 6.10 -28.79 -14.28
CA ARG D 2 6.38 -27.50 -14.98
C ARG D 2 5.80 -26.26 -14.31
N LYS D 3 4.69 -26.37 -13.58
CA LYS D 3 3.97 -25.21 -13.10
C LYS D 3 4.36 -24.95 -11.68
N CYS D 4 4.24 -23.69 -11.31
CA CYS D 4 4.54 -23.27 -9.99
C CYS D 4 3.23 -23.55 -9.30
N SER D 5 3.32 -24.40 -8.28
CA SER D 5 2.18 -24.84 -7.51
C SER D 5 2.24 -24.33 -6.06
N LEU D 6 1.12 -23.81 -5.57
CA LEU D 6 0.98 -23.33 -4.19
C LEU D 6 0.93 -24.38 -3.07
N THR D 7 0.52 -25.62 -3.41
CA THR D 7 0.37 -26.69 -2.49
C THR D 7 1.71 -26.98 -1.80
N GLY D 8 1.66 -27.12 -0.49
CA GLY D 8 2.75 -27.65 0.27
C GLY D 8 3.10 -26.68 1.33
N LYS D 9 4.34 -26.81 1.78
CA LYS D 9 4.83 -26.12 2.96
C LYS D 9 5.87 -25.03 2.64
N TRP D 10 5.62 -23.83 3.16
CA TRP D 10 6.35 -22.64 2.84
C TRP D 10 6.86 -21.96 4.10
N THR D 11 7.92 -21.17 3.98
CA THR D 11 8.36 -20.24 5.03
C THR D 11 8.73 -18.90 4.43
N ASN D 12 8.54 -17.80 5.15
CA ASN D 12 8.88 -16.52 4.67
C ASN D 12 10.08 -15.90 5.34
N ASP D 13 10.54 -14.80 4.77
CA ASP D 13 11.66 -13.95 5.27
C ASP D 13 11.55 -13.52 6.75
N LEU D 14 10.33 -13.49 7.30
CA LEU D 14 10.11 -13.20 8.72
C LEU D 14 10.19 -14.43 9.57
N GLY D 15 10.21 -15.64 8.99
CA GLY D 15 10.13 -16.86 9.72
C GLY D 15 8.76 -17.53 9.83
N SER D 16 7.70 -16.88 9.33
CA SER D 16 6.39 -17.46 9.39
C SER D 16 6.31 -18.70 8.47
N ASN D 17 5.47 -19.62 8.82
CA ASN D 17 5.17 -20.80 8.05
C ASN D 17 3.71 -20.86 7.63
N MET D 18 3.46 -21.43 6.47
CA MET D 18 2.13 -21.76 6.09
C MET D 18 2.15 -23.09 5.33
N THR D 19 1.09 -23.86 5.50
CA THR D 19 0.85 -25.02 4.71
C THR D 19 -0.47 -24.81 3.90
N ILE D 20 -0.38 -24.94 2.56
CA ILE D 20 -1.49 -24.93 1.63
C ILE D 20 -1.79 -26.37 1.13
N GLY D 21 -3.07 -26.74 1.06
CA GLY D 21 -3.51 -28.03 0.56
C GLY D 21 -3.67 -28.00 -0.93
N ALA D 22 -4.31 -29.03 -1.40
CA ALA D 22 -4.56 -29.15 -2.84
C ALA D 22 -5.34 -27.95 -3.40
N VAL D 23 -4.96 -27.54 -4.62
CA VAL D 23 -5.61 -26.48 -5.37
C VAL D 23 -6.56 -27.16 -6.32
N ASN D 24 -7.85 -26.92 -6.17
CA ASN D 24 -8.83 -27.62 -7.02
C ASN D 24 -8.89 -27.02 -8.44
N SER D 25 -9.73 -27.58 -9.30
CA SER D 25 -9.83 -27.11 -10.68
C SER D 25 -10.29 -25.65 -10.82
N ARG D 26 -10.94 -25.08 -9.80
CA ARG D 26 -11.30 -23.66 -9.87
C ARG D 26 -10.25 -22.79 -9.29
N GLY D 27 -9.18 -23.39 -8.78
CA GLY D 27 -8.07 -22.65 -8.22
C GLY D 27 -8.18 -22.37 -6.73
N GLU D 28 -9.20 -22.93 -6.08
CA GLU D 28 -9.49 -22.74 -4.68
C GLU D 28 -8.55 -23.59 -3.84
N PHE D 29 -8.00 -22.98 -2.80
CA PHE D 29 -7.24 -23.71 -1.83
C PHE D 29 -7.56 -23.24 -0.39
N THR D 30 -7.25 -24.09 0.56
CA THR D 30 -7.23 -23.74 1.98
C THR D 30 -5.87 -24.16 2.61
N GLY D 31 -5.65 -23.69 3.82
CA GLY D 31 -4.46 -24.00 4.57
C GLY D 31 -4.44 -23.36 5.95
N THR D 32 -3.24 -23.29 6.54
CA THR D 32 -3.02 -22.78 7.88
C THR D 32 -1.77 -21.91 7.87
N TYR D 33 -1.75 -20.89 8.72
CA TYR D 33 -0.70 -19.90 8.75
C TYR D 33 -0.26 -19.76 10.23
N THR D 34 1.05 -19.81 10.46
CA THR D 34 1.68 -19.62 11.71
C THR D 34 2.63 -18.45 11.58
N THR D 35 2.19 -17.26 12.00
CA THR D 35 3.01 -16.16 11.96
C THR D 35 4.13 -16.32 12.98
N ALA D 36 5.32 -15.85 12.65
CA ALA D 36 6.41 -15.79 13.58
C ALA D 36 6.39 -14.50 14.34
N VAL D 37 5.65 -13.52 13.88
CA VAL D 37 5.65 -12.20 14.52
C VAL D 37 4.21 -11.73 14.78
N THR D 38 4.05 -10.82 15.72
CA THR D 38 2.76 -10.26 16.01
C THR D 38 2.94 -8.85 16.54
N ALA D 39 1.90 -8.06 16.35
CA ALA D 39 1.90 -6.66 16.70
C ALA D 39 1.83 -6.42 18.21
N THR D 40 1.34 -7.40 18.96
CA THR D 40 1.12 -7.27 20.41
C THR D 40 1.42 -8.60 21.17
N SER D 41 1.20 -8.58 22.48
CA SER D 41 1.60 -9.64 23.38
C SER D 41 0.82 -10.96 23.30
N ASN D 42 -0.36 -10.99 22.67
CA ASN D 42 -1.18 -12.21 22.70
C ASN D 42 -0.42 -13.39 22.13
N GLU D 43 -0.70 -14.58 22.62
CA GLU D 43 -0.10 -15.80 22.12
C GLU D 43 -0.60 -16.06 20.69
N ILE D 44 0.36 -16.28 19.81
CA ILE D 44 0.09 -16.63 18.42
C ILE D 44 -0.52 -18.01 18.28
N LYS D 45 -1.59 -18.06 17.50
CA LYS D 45 -2.34 -19.26 17.28
C LYS D 45 -2.33 -19.47 15.80
N GLU D 46 -2.11 -20.69 15.41
CA GLU D 46 -2.28 -21.10 14.03
C GLU D 46 -3.64 -20.63 13.52
N SER D 47 -3.68 -20.11 12.30
CA SER D 47 -4.91 -19.54 11.76
C SER D 47 -5.23 -20.05 10.37
N PRO D 48 -6.55 -20.18 10.05
CA PRO D 48 -6.91 -20.65 8.75
C PRO D 48 -6.70 -19.58 7.66
N LEU D 49 -6.38 -20.05 6.45
CA LEU D 49 -6.34 -19.21 5.24
C LEU D 49 -7.18 -19.85 4.17
N HIS D 50 -7.75 -18.99 3.35
CA HIS D 50 -8.51 -19.38 2.16
C HIS D 50 -8.17 -18.50 1.01
N GLY D 51 -7.95 -19.10 -0.16
CA GLY D 51 -7.48 -18.38 -1.31
C GLY D 51 -7.80 -19.01 -2.62
N THR D 52 -7.35 -18.29 -3.66
CA THR D 52 -7.49 -18.72 -5.04
C THR D 52 -6.24 -18.33 -5.74
N GLN D 53 -5.88 -19.21 -6.62
CA GLN D 53 -4.92 -19.01 -7.64
C GLN D 53 -5.71 -18.71 -8.95
N ASN D 54 -5.17 -17.78 -9.73
CA ASN D 54 -5.70 -17.43 -11.06
C ASN D 54 -5.33 -18.50 -12.07
N THR D 55 -6.34 -19.03 -12.78
CA THR D 55 -6.15 -20.08 -13.77
C THR D 55 -6.28 -19.63 -15.25
N ILE D 56 -6.49 -18.30 -15.52
CA ILE D 56 -6.67 -17.79 -16.85
C ILE D 56 -5.34 -18.02 -17.58
N ASN D 57 -5.47 -18.63 -18.75
CA ASN D 57 -4.37 -19.04 -19.59
C ASN D 57 -3.48 -20.06 -18.93
N LYS D 58 -3.98 -20.68 -17.86
CA LYS D 58 -3.25 -21.69 -17.12
C LYS D 58 -1.75 -21.42 -17.08
N ARG D 59 -1.37 -20.28 -16.55
CA ARG D 59 0.00 -19.87 -16.64
C ARG D 59 0.88 -20.76 -15.77
N THR D 60 2.13 -20.99 -16.19
CA THR D 60 3.03 -21.75 -15.31
C THR D 60 3.45 -20.91 -14.06
N GLN D 61 3.21 -19.60 -14.04
CA GLN D 61 3.58 -18.73 -12.93
C GLN D 61 2.39 -17.86 -12.58
N PRO D 62 1.43 -18.43 -11.87
CA PRO D 62 0.15 -17.69 -11.75
C PRO D 62 0.14 -16.71 -10.62
N THR D 63 -0.76 -15.71 -10.71
CA THR D 63 -1.08 -14.89 -9.59
C THR D 63 -1.98 -15.63 -8.65
N PHE D 64 -2.15 -15.10 -7.43
CA PHE D 64 -2.99 -15.65 -6.38
C PHE D 64 -3.23 -14.65 -5.26
N GLY D 65 -4.24 -14.97 -4.48
CA GLY D 65 -4.51 -14.26 -3.26
C GLY D 65 -5.15 -15.10 -2.21
N PHE D 66 -4.90 -14.76 -0.94
CA PHE D 66 -5.56 -15.38 0.17
C PHE D 66 -5.78 -14.48 1.35
N THR D 67 -6.75 -14.89 2.16
CA THR D 67 -7.13 -14.19 3.38
C THR D 67 -6.73 -15.08 4.60
N VAL D 68 -6.07 -14.46 5.59
CA VAL D 68 -5.79 -15.05 6.87
C VAL D 68 -6.70 -14.44 7.91
N ASN D 69 -7.52 -15.33 8.47
CA ASN D 69 -8.54 -15.04 9.48
C ASN D 69 -7.94 -15.41 10.81
N TRP D 70 -7.31 -14.43 11.37
CA TRP D 70 -6.48 -14.59 12.58
C TRP D 70 -7.37 -15.06 13.74
N LYS D 71 -6.85 -16.04 14.47
CA LYS D 71 -7.58 -16.65 15.57
C LYS D 71 -7.22 -16.10 16.91
N PHE D 72 -6.32 -15.14 16.92
CA PHE D 72 -5.89 -14.51 18.11
C PHE D 72 -5.91 -12.97 18.01
N SER D 73 -6.54 -12.42 17.02
CA SER D 73 -6.75 -10.99 16.97
C SER D 73 -8.14 -10.75 16.40
N GLU D 74 -8.69 -9.53 16.55
CA GLU D 74 -9.87 -9.11 15.77
C GLU D 74 -9.53 -8.73 14.31
N SER D 75 -8.27 -8.79 13.97
CA SER D 75 -7.75 -8.39 12.68
C SER D 75 -7.86 -9.44 11.49
N THR D 76 -7.69 -8.93 10.26
CA THR D 76 -7.58 -9.74 9.02
C THR D 76 -6.35 -9.27 8.20
N THR D 77 -5.60 -10.25 7.65
CA THR D 77 -4.55 -9.99 6.65
C THR D 77 -4.93 -10.60 5.32
N VAL D 78 -4.73 -9.90 4.22
CA VAL D 78 -4.86 -10.44 2.86
C VAL D 78 -3.48 -10.40 2.22
N PHE D 79 -3.11 -11.46 1.52
CA PHE D 79 -1.85 -11.53 0.80
C PHE D 79 -2.12 -11.75 -0.69
N THR D 80 -1.33 -11.08 -1.57
CA THR D 80 -1.42 -11.31 -3.03
C THR D 80 -0.08 -11.26 -3.68
N GLY D 81 0.10 -12.09 -4.68
CA GLY D 81 1.45 -12.23 -5.33
C GLY D 81 1.49 -13.15 -6.53
N GLN D 82 2.68 -13.75 -6.80
CA GLN D 82 2.83 -14.60 -7.89
C GLN D 82 3.82 -15.64 -7.56
N CYS D 83 3.60 -16.80 -8.14
CA CYS D 83 4.48 -17.96 -7.92
C CYS D 83 5.48 -17.99 -9.01
N PHE D 84 6.77 -17.86 -8.71
CA PHE D 84 7.81 -17.91 -9.74
C PHE D 84 8.56 -19.21 -9.60
N ILE D 85 9.08 -19.70 -10.73
CA ILE D 85 9.86 -20.90 -10.75
C ILE D 85 11.07 -20.75 -11.68
N ASP D 86 12.29 -20.97 -11.14
CA ASP D 86 13.51 -20.85 -11.97
C ASP D 86 13.79 -22.17 -12.68
N ARG D 87 14.74 -22.12 -13.62
CA ARG D 87 15.16 -23.28 -14.47
C ARG D 87 15.57 -24.59 -13.75
N ASN D 88 16.01 -24.49 -12.49
CA ASN D 88 16.21 -25.68 -11.65
C ASN D 88 14.94 -26.17 -10.95
N GLY D 89 13.83 -25.44 -11.09
CA GLY D 89 12.56 -25.80 -10.48
C GLY D 89 12.37 -25.23 -9.08
N LYS D 90 13.26 -24.33 -8.68
CA LYS D 90 13.15 -23.68 -7.38
C LYS D 90 12.00 -22.67 -7.38
N GLU D 91 11.07 -22.80 -6.47
CA GLU D 91 9.87 -21.94 -6.47
C GLU D 91 9.95 -20.83 -5.42
N VAL D 92 9.25 -19.72 -5.67
CA VAL D 92 9.26 -18.64 -4.72
C VAL D 92 7.97 -17.81 -4.87
N LEU D 93 7.37 -17.39 -3.77
CA LEU D 93 6.13 -16.55 -3.84
C LEU D 93 6.48 -15.10 -3.46
N LYS D 94 6.34 -14.20 -4.41
CA LYS D 94 6.58 -12.83 -4.13
C LYS D 94 5.24 -12.28 -3.83
N THR D 95 5.08 -11.73 -2.61
CA THR D 95 3.75 -11.25 -2.17
C THR D 95 3.85 -9.87 -1.55
N MET D 96 2.71 -9.24 -1.53
CA MET D 96 2.46 -8.03 -0.72
C MET D 96 1.15 -8.23 0.08
N TRP D 97 1.07 -7.61 1.26
CA TRP D 97 -0.07 -7.86 2.19
C TRP D 97 -0.66 -6.54 2.73
N LEU D 98 -1.95 -6.59 3.04
CA LEU D 98 -2.64 -5.58 3.80
C LEU D 98 -3.18 -6.19 5.09
N LEU D 99 -2.85 -5.59 6.22
CA LEU D 99 -3.23 -6.02 7.59
C LEU D 99 -4.22 -4.99 8.16
N ARG D 100 -5.47 -5.41 8.22
CA ARG D 100 -6.58 -4.57 8.69
C ARG D 100 -6.81 -4.85 10.16
N SER D 101 -6.65 -3.82 11.01
CA SER D 101 -7.04 -3.88 12.39
C SER D 101 -8.48 -3.39 12.58
N SER D 102 -9.03 -3.78 13.71
CA SER D 102 -10.31 -3.34 14.11
C SER D 102 -10.20 -1.99 14.78
N VAL D 103 -11.10 -1.07 14.48
CA VAL D 103 -11.29 0.18 15.25
C VAL D 103 -12.72 0.29 15.69
N ASN D 104 -12.93 0.98 16.79
CA ASN D 104 -14.19 1.03 17.43
C ASN D 104 -15.10 2.03 16.77
N ASP D 105 -14.49 3.02 16.17
CA ASP D 105 -15.26 4.10 15.57
C ASP D 105 -14.75 4.32 14.12
N ILE D 106 -15.72 4.61 13.25
CA ILE D 106 -15.46 4.87 11.85
C ILE D 106 -14.54 6.08 11.61
N GLY D 107 -14.56 7.05 12.53
CA GLY D 107 -13.64 8.15 12.49
C GLY D 107 -12.17 7.75 12.60
N ASP D 108 -11.90 6.53 13.03
CA ASP D 108 -10.52 6.02 13.10
C ASP D 108 -10.10 5.14 11.99
N ASP D 109 -10.97 5.02 11.00
CA ASP D 109 -10.72 4.08 9.91
C ASP D 109 -9.40 4.31 9.24
N TRP D 110 -9.05 5.58 9.12
CA TRP D 110 -7.88 6.00 8.34
C TRP D 110 -6.55 5.30 8.80
N LYS D 111 -6.45 4.96 10.07
CA LYS D 111 -5.25 4.43 10.65
C LYS D 111 -5.20 2.89 10.67
N ALA D 112 -6.21 2.24 10.09
CA ALA D 112 -6.48 0.79 10.37
C ALA D 112 -5.71 -0.20 9.55
N THR D 113 -5.03 0.27 8.51
CA THR D 113 -4.48 -0.59 7.50
C THR D 113 -2.98 -0.40 7.32
N ARG D 114 -2.27 -1.47 7.64
CA ARG D 114 -0.85 -1.56 7.38
C ARG D 114 -0.52 -2.32 6.11
N VAL D 115 0.71 -2.10 5.60
CA VAL D 115 1.12 -2.66 4.31
C VAL D 115 2.55 -3.23 4.42
N GLY D 116 2.85 -4.28 3.67
CA GLY D 116 4.23 -4.81 3.66
C GLY D 116 4.35 -5.89 2.60
N ILE D 117 5.47 -6.58 2.62
CA ILE D 117 5.74 -7.62 1.69
C ILE D 117 6.15 -8.89 2.38
N ASN D 118 6.11 -9.98 1.65
CA ASN D 118 6.75 -11.25 2.06
C ASN D 118 7.17 -12.06 0.87
N ILE D 119 8.28 -12.78 1.06
CA ILE D 119 8.82 -13.69 0.08
C ILE D 119 8.80 -15.07 0.74
N PHE D 120 8.15 -16.06 0.11
CA PHE D 120 8.11 -17.42 0.62
C PHE D 120 8.90 -18.42 -0.28
N THR D 121 9.58 -19.33 0.37
CA THR D 121 10.26 -20.42 -0.27
C THR D 121 9.83 -21.68 0.36
N ARG D 122 9.97 -22.76 -0.37
CA ARG D 122 9.58 -24.07 0.15
C ARG D 122 10.40 -24.63 1.27
N LEU D 123 9.69 -25.31 2.14
CA LEU D 123 10.28 -26.36 2.93
C LEU D 123 10.01 -27.65 2.13
N ARG D 124 11.06 -28.48 2.00
CA ARG D 124 10.97 -29.79 1.31
C ARG D 124 10.03 -30.72 2.06
#